data_7U9E
#
_entry.id   7U9E
#
_cell.length_a   106.590
_cell.length_b   150.940
_cell.length_c   103.520
_cell.angle_alpha   90.000
_cell.angle_beta   90.000
_cell.angle_gamma   90.000
#
_symmetry.space_group_name_H-M   'C 2 2 2'
#
loop_
_entity.id
_entity.type
_entity.pdbx_description
1 polymer 'Gametocyte surface protein P230'
2 polymer LMIV230-01
3 polymer 230AL-26
4 water water
#
loop_
_entity_poly.entity_id
_entity_poly.type
_entity_poly.pdbx_seq_one_letter_code
_entity_poly.pdbx_strand_id
1 'polypeptide(L)'
;SVLQSGALPSVGVDELDKIDLSYETTESGDTAVSEDSYDKYASQNTNKEYVCDFTDQLKPTESGPKVKKCEVKVNEPLIK
VKIICPLKGSVEKLYDNIEYVPKKSPYVVLTKEETKLKEKLLSKLIYGLLISPTVNEKENNFKEGVIEFTLPPVVHKATV
FYFICDNSKTEDDNKKGNRGIVEVYVEPYGN
;
A
2 'polypeptide(L)'
;TGQVQLVQSGAEVKKPGSSVKVSCKVSGGTFNTYAIIWVRQAPGQGLEWMGAIIPFQDRGQYAQKFQGRVTITADKSTST
AYMELSSLRSEDTAVYYCAKESGRAVADRWGQGTLVTVSSGGGGSGGGGSGGGGSGGGGSGGGGSDIVMTQSPASLALSL
GERATLYCRASHSISSWLAWYQQKPGKAPKLLIYKASTLESGVPSRFSGSGSGTEFTLTISSLQPDDFATYYCQQYKSYP
WTFGQGTKLEIKRGTHHHHHH
;
B
3 'polypeptide(L)'
;TGEVQLVESGGGLVKPGGSLRLSCTASGFPFTSYSMNWVRQAPGKGLEWVSSITSSSAYVKYADSVKGRFTISRDNAKNL
LSLQMNSLRVGDTAVYYCARAGVGAPDYWGQGAQVTVSSGGGGSGGGGSGGGGSGGGGSQSVLTQPPSASGTPGQRVTIS
CSGRSSNLGSNTVNWYQQVPGTAPKLLIYLKNQRPSGVPDRFSGSQSGTSASLAISGLQSDDDADYYCAAWDDNLDGWVF
GGGTKLTVLGTHHHHHH
;
H
#
# COMPACT_ATOMS: atom_id res chain seq x y z
N GLY A 12 6.69 -23.36 8.79
CA GLY A 12 8.06 -23.26 8.33
C GLY A 12 8.91 -22.33 9.19
N VAL A 13 10.06 -22.81 9.64
CA VAL A 13 10.97 -22.02 10.46
C VAL A 13 11.48 -20.85 9.63
N ASP A 14 12.10 -19.88 10.30
CA ASP A 14 12.52 -18.60 9.71
C ASP A 14 11.32 -17.69 9.48
N GLU A 15 10.13 -18.30 9.33
CA GLU A 15 8.86 -17.55 9.31
C GLU A 15 8.35 -17.31 10.72
N LEU A 16 8.45 -18.31 11.59
CA LEU A 16 8.11 -18.13 13.00
C LEU A 16 8.99 -17.09 13.68
N ASP A 17 10.07 -16.66 13.04
CA ASP A 17 11.02 -15.72 13.63
C ASP A 17 10.99 -14.34 12.98
N LYS A 18 10.26 -14.17 11.87
CA LYS A 18 10.22 -12.89 11.18
C LYS A 18 8.83 -12.30 11.01
N ILE A 19 7.77 -13.11 11.00
CA ILE A 19 6.43 -12.61 10.80
C ILE A 19 5.63 -12.72 12.10
N ASP A 20 4.54 -11.96 12.16
CA ASP A 20 3.60 -11.99 13.27
C ASP A 20 2.42 -12.86 12.85
N LEU A 21 2.35 -14.07 13.40
CA LEU A 21 1.28 -14.99 13.05
C LEU A 21 -0.08 -14.54 13.55
N SER A 22 -0.12 -13.67 14.55
CA SER A 22 -1.38 -13.20 15.11
C SER A 22 -1.93 -11.97 14.42
N TYR A 23 -1.18 -11.38 13.48
CA TYR A 23 -1.64 -10.16 12.85
C TYR A 23 -2.78 -10.45 11.88
N GLU A 24 -3.81 -9.62 11.93
CA GLU A 24 -4.96 -9.70 11.03
C GLU A 24 -5.43 -8.29 10.71
N THR A 25 -5.76 -8.05 9.45
CA THR A 25 -6.31 -6.77 9.03
C THR A 25 -7.20 -7.00 7.81
N THR A 26 -7.66 -5.92 7.21
CA THR A 26 -8.45 -5.98 5.98
C THR A 26 -7.99 -4.88 5.04
N GLU A 27 -8.39 -5.01 3.77
CA GLU A 27 -8.07 -3.97 2.80
C GLU A 27 -8.71 -2.65 3.19
N SER A 28 -9.97 -2.68 3.61
CA SER A 28 -10.66 -1.45 3.99
C SER A 28 -10.16 -0.92 5.32
N GLY A 29 -9.67 -1.79 6.20
CA GLY A 29 -9.25 -1.35 7.52
C GLY A 29 -10.44 -0.89 8.33
N ASP A 30 -10.33 0.28 8.93
CA ASP A 30 -11.39 0.87 9.74
C ASP A 30 -12.12 1.97 9.01
N THR A 31 -11.95 2.09 7.69
CA THR A 31 -12.60 3.13 6.92
C THR A 31 -14.07 2.82 6.63
N ALA A 32 -14.46 1.56 6.67
CA ALA A 32 -15.82 1.13 6.36
C ALA A 32 -16.18 1.32 4.89
N VAL A 33 -15.19 1.43 4.02
CA VAL A 33 -15.41 1.60 2.59
C VAL A 33 -15.30 0.23 1.92
N SER A 34 -16.34 -0.17 1.21
CA SER A 34 -16.31 -1.40 0.44
C SER A 34 -15.48 -1.20 -0.84
N GLU A 35 -15.03 -2.32 -1.41
CA GLU A 35 -14.10 -2.26 -2.52
C GLU A 35 -14.71 -1.59 -3.75
N ASP A 36 -16.03 -1.67 -3.91
CA ASP A 36 -16.65 -1.03 -5.06
C ASP A 36 -16.64 0.49 -4.95
N SER A 37 -16.34 1.04 -3.78
CA SER A 37 -16.21 2.48 -3.60
C SER A 37 -14.77 2.92 -3.42
N TYR A 38 -13.80 2.01 -3.54
CA TYR A 38 -12.40 2.42 -3.57
C TYR A 38 -12.15 3.36 -4.74
N ASP A 39 -11.15 4.22 -4.59
CA ASP A 39 -10.56 4.93 -5.73
C ASP A 39 -9.46 4.03 -6.27
N LYS A 40 -9.82 3.19 -7.25
CA LYS A 40 -8.89 2.24 -7.84
C LYS A 40 -8.19 2.87 -9.03
N TYR A 41 -6.86 2.69 -9.09
CA TYR A 41 -6.07 3.24 -10.18
C TYR A 41 -4.83 2.37 -10.36
N ALA A 42 -4.27 2.43 -11.57
CA ALA A 42 -3.14 1.59 -11.92
C ALA A 42 -1.81 2.27 -11.57
N SER A 43 -0.80 1.46 -11.35
CA SER A 43 0.54 1.96 -11.10
C SER A 43 1.08 2.71 -12.32
N GLN A 44 2.05 3.59 -12.07
CA GLN A 44 2.75 4.30 -13.14
C GLN A 44 3.86 3.38 -13.65
N ASN A 45 3.62 2.77 -14.81
CA ASN A 45 4.52 1.77 -15.36
C ASN A 45 5.40 2.40 -16.43
N THR A 46 6.71 2.42 -16.18
CA THR A 46 7.68 2.99 -17.11
C THR A 46 8.73 1.92 -17.40
N ASN A 47 8.76 1.44 -18.64
CA ASN A 47 9.69 0.39 -19.04
C ASN A 47 9.50 -0.83 -18.13
N LYS A 48 10.50 -1.13 -17.29
CA LYS A 48 10.43 -2.30 -16.42
C LYS A 48 10.07 -1.95 -14.98
N GLU A 49 9.78 -0.69 -14.67
CA GLU A 49 9.51 -0.26 -13.31
C GLU A 49 8.05 0.17 -13.19
N TYR A 50 7.32 -0.48 -12.29
CA TYR A 50 5.95 -0.12 -11.95
C TYR A 50 5.96 0.57 -10.60
N VAL A 51 5.38 1.77 -10.53
CA VAL A 51 5.52 2.65 -9.37
C VAL A 51 4.15 2.96 -8.80
N CYS A 52 4.02 2.86 -7.48
CA CYS A 52 2.86 3.33 -6.74
C CYS A 52 3.32 4.44 -5.80
N ASP A 53 2.91 5.67 -6.10
CA ASP A 53 3.36 6.86 -5.36
C ASP A 53 2.16 7.46 -4.64
N PHE A 54 2.17 7.39 -3.31
CA PHE A 54 1.11 7.97 -2.48
C PHE A 54 1.49 9.36 -1.96
N THR A 55 2.46 10.02 -2.60
CA THR A 55 2.97 11.28 -2.06
C THR A 55 1.86 12.31 -1.88
N ASP A 56 0.90 12.34 -2.81
CA ASP A 56 -0.17 13.33 -2.78
C ASP A 56 -1.56 12.69 -2.67
N GLN A 57 -1.64 11.38 -2.50
CA GLN A 57 -2.93 10.69 -2.49
C GLN A 57 -3.60 10.65 -1.13
N LEU A 58 -2.84 10.81 -0.04
CA LEU A 58 -3.34 10.51 1.29
C LEU A 58 -3.54 11.74 2.16
N LYS A 59 -3.40 12.94 1.61
CA LYS A 59 -3.54 14.13 2.44
C LYS A 59 -4.96 14.22 3.02
N PRO A 60 -5.11 14.78 4.22
CA PRO A 60 -6.45 14.90 4.80
C PRO A 60 -7.37 15.75 3.94
N THR A 61 -8.58 15.24 3.71
CA THR A 61 -9.57 15.92 2.89
C THR A 61 -10.91 15.93 3.62
N GLU A 62 -11.80 16.81 3.16
CA GLU A 62 -13.11 16.96 3.79
C GLU A 62 -13.87 15.64 3.78
N SER A 63 -13.88 14.95 2.65
CA SER A 63 -14.68 13.74 2.49
C SER A 63 -14.06 12.51 3.13
N GLY A 64 -12.80 12.58 3.58
CA GLY A 64 -12.13 11.43 4.13
C GLY A 64 -12.90 10.80 5.27
N PRO A 65 -12.59 9.54 5.59
CA PRO A 65 -11.54 8.71 4.98
C PRO A 65 -11.92 8.09 3.64
N LYS A 66 -11.03 8.22 2.64
CA LYS A 66 -11.16 7.52 1.37
C LYS A 66 -10.11 6.41 1.32
N VAL A 67 -10.35 5.45 0.43
CA VAL A 67 -9.40 4.37 0.18
C VAL A 67 -8.81 4.56 -1.21
N LYS A 68 -7.48 4.60 -1.28
CA LYS A 68 -6.74 4.76 -2.52
C LYS A 68 -5.98 3.46 -2.80
N LYS A 69 -6.47 2.68 -3.77
CA LYS A 69 -5.87 1.40 -4.10
C LYS A 69 -5.09 1.53 -5.40
N CYS A 70 -3.78 1.27 -5.34
CA CYS A 70 -2.91 1.24 -6.50
C CYS A 70 -2.77 -0.22 -6.94
N GLU A 71 -3.14 -0.50 -8.19
CA GLU A 71 -3.13 -1.86 -8.72
C GLU A 71 -1.87 -2.06 -9.55
N VAL A 72 -1.04 -3.02 -9.14
CA VAL A 72 0.19 -3.37 -9.83
C VAL A 72 -0.01 -4.74 -10.44
N LYS A 73 -0.13 -4.80 -11.76
CA LYS A 73 -0.43 -6.03 -12.49
C LYS A 73 0.79 -6.41 -13.31
N VAL A 74 1.29 -7.63 -13.10
CA VAL A 74 2.56 -8.07 -13.65
C VAL A 74 2.35 -9.40 -14.37
N ASN A 75 2.70 -9.45 -15.65
CA ASN A 75 2.64 -10.68 -16.42
C ASN A 75 3.84 -10.82 -17.34
N GLU A 76 4.96 -10.20 -16.98
CA GLU A 76 6.19 -10.30 -17.76
C GLU A 76 7.37 -10.27 -16.80
N PRO A 77 8.55 -10.70 -17.24
CA PRO A 77 9.64 -10.98 -16.30
C PRO A 77 10.43 -9.75 -15.89
N LEU A 78 11.09 -9.89 -14.75
CA LEU A 78 12.08 -8.92 -14.26
C LEU A 78 11.47 -7.52 -14.09
N ILE A 79 10.22 -7.48 -13.61
CA ILE A 79 9.58 -6.22 -13.31
C ILE A 79 9.99 -5.76 -11.92
N LYS A 80 10.25 -4.47 -11.78
CA LYS A 80 10.67 -3.86 -10.53
C LYS A 80 9.55 -2.99 -9.99
N VAL A 81 9.15 -3.24 -8.75
CA VAL A 81 8.03 -2.55 -8.11
C VAL A 81 8.59 -1.59 -7.07
N LYS A 82 8.22 -0.32 -7.18
CA LYS A 82 8.60 0.72 -6.24
C LYS A 82 7.34 1.31 -5.63
N ILE A 83 7.30 1.42 -4.31
CA ILE A 83 6.16 1.96 -3.59
C ILE A 83 6.64 3.07 -2.67
N ILE A 84 5.99 4.23 -2.75
CA ILE A 84 6.39 5.43 -2.02
C ILE A 84 5.27 5.79 -1.06
N CYS A 85 5.60 5.94 0.22
CA CYS A 85 4.63 6.23 1.27
C CYS A 85 5.15 7.44 2.05
N PRO A 86 4.43 8.56 2.07
CA PRO A 86 4.97 9.76 2.71
C PRO A 86 5.21 9.54 4.20
N LEU A 87 6.27 10.15 4.71
CA LEU A 87 6.66 10.02 6.11
C LEU A 87 5.92 11.01 6.98
N LYS A 88 5.80 10.69 8.26
CA LYS A 88 5.23 11.63 9.22
C LYS A 88 6.23 12.76 9.46
N GLY A 89 5.75 13.99 9.37
CA GLY A 89 6.59 15.16 9.41
C GLY A 89 6.93 15.72 8.04
N SER A 90 6.85 14.90 6.98
CA SER A 90 7.17 15.38 5.65
C SER A 90 6.42 16.67 5.33
N VAL A 91 5.13 16.71 5.64
CA VAL A 91 4.34 17.94 5.61
C VAL A 91 3.68 18.09 6.96
N GLU A 92 3.86 19.25 7.60
CA GLU A 92 3.39 19.42 8.96
C GLU A 92 1.90 19.11 9.07
N LYS A 93 1.54 18.32 10.08
CA LYS A 93 0.16 18.07 10.47
C LYS A 93 -0.54 17.04 9.59
N LEU A 94 -0.10 16.89 8.34
CA LEU A 94 -0.88 16.12 7.38
C LEU A 94 -0.66 14.61 7.51
N TYR A 95 0.51 14.19 8.00
CA TYR A 95 0.81 12.76 8.12
C TYR A 95 1.25 12.41 9.53
N ASP A 96 0.75 13.13 10.53
CA ASP A 96 1.21 12.93 11.90
C ASP A 96 0.96 11.51 12.37
N ASN A 97 -0.19 10.93 11.99
CA ASN A 97 -0.57 9.59 12.43
C ASN A 97 -0.51 8.57 11.30
N ILE A 98 0.28 8.82 10.27
CA ILE A 98 0.36 7.87 9.17
C ILE A 98 1.03 6.59 9.66
N GLU A 99 0.61 5.47 9.08
CA GLU A 99 1.13 4.16 9.44
C GLU A 99 1.29 3.33 8.18
N TYR A 100 2.25 2.41 8.20
CA TYR A 100 2.48 1.50 7.10
C TYR A 100 2.48 0.07 7.61
N VAL A 101 2.03 -0.85 6.76
CA VAL A 101 1.95 -2.26 7.11
C VAL A 101 2.31 -3.10 5.88
N PRO A 102 3.09 -4.17 6.03
CA PRO A 102 3.78 -4.56 7.27
C PRO A 102 4.92 -3.61 7.59
N LYS A 103 5.26 -3.45 8.87
CA LYS A 103 6.42 -2.64 9.23
C LYS A 103 7.68 -3.14 8.53
N LYS A 104 7.76 -4.45 8.26
CA LYS A 104 8.93 -5.07 7.68
C LYS A 104 8.84 -5.21 6.17
N SER A 105 8.05 -4.37 5.51
CA SER A 105 7.99 -4.42 4.05
C SER A 105 9.36 -4.06 3.47
N PRO A 106 9.72 -4.62 2.30
CA PRO A 106 8.94 -5.58 1.50
C PRO A 106 9.29 -7.03 1.81
N TYR A 107 10.16 -7.26 2.80
CA TYR A 107 10.48 -8.62 3.20
C TYR A 107 9.23 -9.35 3.66
N VAL A 108 8.32 -8.65 4.33
CA VAL A 108 7.05 -9.19 4.78
C VAL A 108 5.94 -8.46 4.04
N VAL A 109 4.97 -9.22 3.55
CA VAL A 109 3.83 -8.69 2.84
C VAL A 109 2.55 -9.25 3.45
N LEU A 110 1.41 -8.79 2.94
CA LEU A 110 0.10 -9.27 3.35
C LEU A 110 -0.51 -10.06 2.20
N THR A 111 -1.03 -11.25 2.52
CA THR A 111 -1.79 -12.05 1.58
C THR A 111 -3.16 -12.36 2.19
N LYS A 112 -4.14 -12.59 1.32
CA LYS A 112 -5.51 -12.82 1.77
C LYS A 112 -5.69 -14.29 2.13
N GLU A 113 -5.85 -14.58 3.41
CA GLU A 113 -6.14 -15.91 3.91
C GLU A 113 -7.59 -15.93 4.37
N GLU A 114 -8.39 -16.83 3.79
CA GLU A 114 -9.83 -16.82 3.98
C GLU A 114 -10.39 -15.50 3.46
N THR A 115 -10.69 -14.54 4.34
CA THR A 115 -11.09 -13.22 3.85
C THR A 115 -10.43 -12.09 4.62
N LYS A 116 -9.29 -12.36 5.27
CA LYS A 116 -8.54 -11.34 5.99
C LYS A 116 -7.10 -11.39 5.51
N LEU A 117 -6.41 -10.26 5.64
CA LEU A 117 -5.02 -10.15 5.23
C LEU A 117 -4.12 -10.53 6.40
N LYS A 118 -3.20 -11.46 6.15
CA LYS A 118 -2.25 -11.95 7.14
C LYS A 118 -0.84 -11.86 6.56
N GLU A 119 0.14 -12.01 7.45
CA GLU A 119 1.53 -11.77 7.08
C GLU A 119 2.17 -13.00 6.44
N LYS A 120 2.98 -12.75 5.42
CA LYS A 120 3.70 -13.79 4.70
C LYS A 120 5.06 -13.24 4.30
N LEU A 121 6.07 -14.10 4.32
CA LEU A 121 7.39 -13.72 3.82
C LEU A 121 7.37 -13.72 2.30
N LEU A 122 7.69 -12.57 1.70
CA LEU A 122 7.62 -12.46 0.25
C LEU A 122 8.58 -13.42 -0.44
N SER A 123 9.70 -13.75 0.22
CA SER A 123 10.65 -14.69 -0.37
C SER A 123 10.12 -16.11 -0.38
N LYS A 124 9.17 -16.44 0.50
CA LYS A 124 8.53 -17.75 0.50
C LYS A 124 7.29 -17.78 -0.38
N LEU A 125 6.96 -16.66 -1.04
CA LEU A 125 5.79 -16.53 -1.88
C LEU A 125 6.16 -16.45 -3.36
N ILE A 126 7.07 -15.54 -3.71
CA ILE A 126 7.62 -15.48 -5.05
C ILE A 126 9.09 -15.89 -4.97
N TYR A 127 9.36 -17.16 -5.21
CA TYR A 127 10.72 -17.68 -5.10
C TYR A 127 11.62 -17.09 -6.18
N GLY A 128 12.89 -16.95 -5.85
CA GLY A 128 13.85 -16.28 -6.71
C GLY A 128 13.75 -14.77 -6.69
N LEU A 129 12.84 -14.21 -5.88
CA LEU A 129 12.71 -12.76 -5.76
C LEU A 129 14.05 -12.13 -5.37
N LEU A 130 14.21 -10.86 -5.74
CA LEU A 130 15.37 -10.08 -5.36
C LEU A 130 14.92 -8.87 -4.57
N ILE A 131 15.38 -8.77 -3.32
CA ILE A 131 15.16 -7.59 -2.49
C ILE A 131 16.54 -7.03 -2.16
N SER A 132 16.85 -5.87 -2.73
CA SER A 132 18.14 -5.26 -2.44
C SER A 132 18.07 -4.51 -1.11
N PRO A 133 19.13 -4.54 -0.30
CA PRO A 133 19.05 -3.93 1.03
C PRO A 133 18.82 -2.43 0.98
N THR A 134 19.23 -1.76 -0.09
CA THR A 134 19.14 -0.32 -0.21
C THR A 134 18.24 0.08 -1.36
N VAL A 135 17.64 1.26 -1.24
CA VAL A 135 16.92 1.93 -2.31
C VAL A 135 17.65 3.25 -2.53
N ASN A 136 18.43 3.33 -3.62
CA ASN A 136 19.37 4.43 -3.84
C ASN A 136 20.32 4.42 -2.64
N GLU A 137 20.45 5.50 -1.89
CA GLU A 137 21.27 5.52 -0.68
C GLU A 137 20.51 5.10 0.56
N LYS A 138 19.20 4.91 0.46
CA LYS A 138 18.33 4.72 1.61
C LYS A 138 18.17 3.24 1.96
N GLU A 139 17.64 3.00 3.15
CA GLU A 139 17.24 1.65 3.55
C GLU A 139 15.95 1.26 2.84
N ASN A 140 15.85 -0.02 2.50
CA ASN A 140 14.67 -0.56 1.82
C ASN A 140 13.61 -0.84 2.87
N ASN A 141 12.91 0.23 3.28
CA ASN A 141 11.92 0.12 4.34
C ASN A 141 11.06 1.38 4.35
N PHE A 142 9.77 1.21 4.65
CA PHE A 142 8.87 2.34 4.72
C PHE A 142 9.31 3.37 5.77
N LYS A 143 10.16 2.97 6.72
CA LYS A 143 10.69 3.93 7.68
C LYS A 143 11.31 5.13 6.96
N GLU A 144 11.95 4.88 5.81
CA GLU A 144 12.57 5.94 5.04
C GLU A 144 11.70 6.43 3.88
N GLY A 145 10.59 5.74 3.59
CA GLY A 145 9.58 6.26 2.69
C GLY A 145 9.38 5.51 1.40
N VAL A 146 10.24 4.53 1.08
CA VAL A 146 10.14 3.84 -0.21
C VAL A 146 10.66 2.42 -0.06
N ILE A 147 9.96 1.48 -0.68
CA ILE A 147 10.38 0.09 -0.73
C ILE A 147 10.51 -0.33 -2.18
N GLU A 148 11.27 -1.39 -2.42
CA GLU A 148 11.50 -1.89 -3.77
C GLU A 148 11.73 -3.39 -3.74
N PHE A 149 11.39 -4.05 -4.85
CA PHE A 149 11.73 -5.44 -5.06
C PHE A 149 11.57 -5.75 -6.55
N THR A 150 12.37 -6.70 -7.03
CA THR A 150 12.42 -7.08 -8.42
C THR A 150 11.92 -8.51 -8.56
N LEU A 151 10.91 -8.72 -9.40
CA LEU A 151 10.36 -10.05 -9.58
C LEU A 151 11.26 -10.89 -10.48
N PRO A 152 11.23 -12.20 -10.34
CA PRO A 152 12.21 -13.04 -11.02
C PRO A 152 11.85 -13.26 -12.47
N PRO A 153 12.74 -13.87 -13.26
CA PRO A 153 12.42 -14.13 -14.66
C PRO A 153 11.26 -15.10 -14.87
N VAL A 154 10.89 -15.90 -13.87
CA VAL A 154 9.83 -16.90 -14.03
C VAL A 154 8.98 -16.95 -12.78
N VAL A 155 7.67 -17.03 -12.97
CA VAL A 155 6.70 -17.23 -11.89
C VAL A 155 5.72 -18.30 -12.34
N HIS A 156 5.52 -19.32 -11.51
CA HIS A 156 4.73 -20.47 -11.91
C HIS A 156 3.24 -20.31 -11.62
N LYS A 157 2.87 -19.61 -10.55
CA LYS A 157 1.49 -19.53 -10.10
C LYS A 157 1.09 -18.09 -9.85
N ALA A 158 -0.19 -17.81 -10.07
CA ALA A 158 -0.73 -16.48 -9.77
C ALA A 158 -0.57 -16.16 -8.29
N THR A 159 -0.21 -14.91 -8.01
CA THR A 159 0.14 -14.48 -6.67
C THR A 159 -0.37 -13.07 -6.45
N VAL A 160 -0.96 -12.83 -5.28
CA VAL A 160 -1.50 -11.53 -4.90
C VAL A 160 -1.08 -11.23 -3.48
N PHE A 161 -0.44 -10.08 -3.26
CA PHE A 161 -0.01 -9.65 -1.94
C PHE A 161 -0.14 -8.13 -1.84
N TYR A 162 -0.28 -7.64 -0.62
CA TYR A 162 -0.68 -6.26 -0.37
C TYR A 162 0.31 -5.52 0.51
N PHE A 163 0.35 -4.20 0.33
CA PHE A 163 1.00 -3.28 1.25
C PHE A 163 0.00 -2.20 1.64
N ILE A 164 0.22 -1.59 2.80
CA ILE A 164 -0.68 -0.58 3.33
C ILE A 164 0.11 0.66 3.72
N CYS A 165 -0.44 1.84 3.40
CA CYS A 165 0.11 3.15 3.79
C CYS A 165 -1.12 3.97 4.19
N ASP A 166 -1.46 3.94 5.47
CA ASP A 166 -2.75 4.41 5.97
C ASP A 166 -2.57 5.71 6.73
N ASN A 167 -3.17 6.78 6.21
CA ASN A 167 -3.23 8.07 6.88
C ASN A 167 -4.62 8.38 7.41
N SER A 168 -5.48 7.36 7.53
CA SER A 168 -6.87 7.60 7.89
C SER A 168 -7.01 8.04 9.35
N LYS A 169 -6.07 7.65 10.21
CA LYS A 169 -6.12 8.07 11.61
C LYS A 169 -5.63 9.50 11.82
N THR A 170 -5.07 10.13 10.78
CA THR A 170 -4.60 11.50 10.89
C THR A 170 -5.77 12.45 10.64
N GLU A 171 -5.95 13.41 11.55
CA GLU A 171 -7.04 14.37 11.46
C GLU A 171 -6.48 15.79 11.51
N ASP A 172 -6.89 16.60 10.52
CA ASP A 172 -6.58 18.03 10.49
C ASP A 172 -7.88 18.78 10.21
N ASP A 173 -8.16 19.79 11.02
CA ASP A 173 -9.49 20.43 10.99
C ASP A 173 -10.51 19.32 11.23
N ASN A 174 -11.61 19.29 10.50
CA ASN A 174 -12.50 18.13 10.47
C ASN A 174 -12.17 17.18 9.33
N LYS A 175 -11.07 17.43 8.61
CA LYS A 175 -10.65 16.58 7.51
C LYS A 175 -9.92 15.36 8.03
N LYS A 176 -10.00 14.27 7.27
CA LYS A 176 -9.36 13.01 7.62
C LYS A 176 -8.55 12.49 6.44
N GLY A 177 -7.45 11.81 6.74
CA GLY A 177 -6.59 11.27 5.70
C GLY A 177 -7.16 10.03 5.06
N ASN A 178 -6.55 9.65 3.94
CA ASN A 178 -6.97 8.49 3.17
C ASN A 178 -6.08 7.29 3.49
N ARG A 179 -6.59 6.11 3.12
CA ARG A 179 -5.90 4.85 3.38
C ARG A 179 -5.36 4.31 2.07
N GLY A 180 -4.03 4.19 1.99
CA GLY A 180 -3.39 3.68 0.78
C GLY A 180 -3.32 2.16 0.79
N ILE A 181 -3.52 1.58 -0.38
CA ILE A 181 -3.43 0.14 -0.58
C ILE A 181 -2.68 -0.12 -1.88
N VAL A 182 -1.78 -1.09 -1.86
CA VAL A 182 -1.10 -1.56 -3.06
C VAL A 182 -1.42 -3.04 -3.22
N GLU A 183 -1.93 -3.42 -4.39
CA GLU A 183 -2.21 -4.80 -4.75
C GLU A 183 -1.27 -5.21 -5.88
N VAL A 184 -0.44 -6.21 -5.63
CA VAL A 184 0.54 -6.69 -6.60
C VAL A 184 0.03 -8.04 -7.09
N TYR A 185 -0.62 -8.05 -8.25
CA TYR A 185 -1.23 -9.23 -8.85
C TYR A 185 -0.25 -9.75 -9.91
N VAL A 186 0.47 -10.81 -9.56
CA VAL A 186 1.52 -11.37 -10.41
C VAL A 186 0.95 -12.61 -11.08
N GLU A 187 0.55 -12.44 -12.34
CA GLU A 187 0.10 -13.57 -13.15
C GLU A 187 1.30 -14.41 -13.57
N PRO A 188 1.10 -15.72 -13.82
CA PRO A 188 2.24 -16.54 -14.26
C PRO A 188 2.88 -16.00 -15.51
N TYR A 189 4.20 -16.19 -15.62
CA TYR A 189 4.94 -15.77 -16.79
C TYR A 189 6.24 -16.55 -16.85
N GLY A 190 6.84 -16.56 -18.04
CA GLY A 190 8.04 -17.34 -18.29
C GLY A 190 7.79 -18.81 -18.51
N ASN A 191 6.54 -19.23 -18.70
CA ASN A 191 6.18 -20.64 -18.76
C ASN A 191 6.56 -21.33 -17.46
N GLN B 3 -23.87 -0.27 -7.72
CA GLN B 3 -23.23 -1.13 -6.69
C GLN B 3 -23.13 -2.57 -7.18
N VAL B 4 -22.47 -3.42 -6.38
CA VAL B 4 -22.23 -4.80 -6.80
C VAL B 4 -23.55 -5.56 -6.83
N GLN B 5 -23.68 -6.45 -7.80
CA GLN B 5 -24.89 -7.26 -7.96
C GLN B 5 -24.47 -8.69 -8.29
N LEU B 6 -25.04 -9.65 -7.57
CA LEU B 6 -24.78 -11.07 -7.78
C LEU B 6 -26.05 -11.73 -8.32
N VAL B 7 -25.94 -12.34 -9.49
CA VAL B 7 -27.07 -12.98 -10.16
C VAL B 7 -26.81 -14.48 -10.20
N GLN B 8 -27.75 -15.26 -9.66
CA GLN B 8 -27.64 -16.71 -9.63
C GLN B 8 -28.55 -17.35 -10.69
N SER B 9 -28.32 -18.64 -10.92
CA SER B 9 -29.09 -19.38 -11.90
C SER B 9 -30.49 -19.68 -11.34
N GLY B 10 -31.35 -20.17 -12.24
CA GLY B 10 -32.73 -20.43 -11.87
C GLY B 10 -32.89 -21.63 -10.96
N ALA B 11 -34.13 -21.78 -10.46
CA ALA B 11 -34.46 -22.91 -9.60
C ALA B 11 -34.23 -24.23 -10.34
N GLU B 12 -34.15 -25.31 -9.57
CA GLU B 12 -33.84 -26.61 -10.16
C GLU B 12 -34.43 -27.72 -9.31
N VAL B 13 -35.06 -28.68 -9.99
CA VAL B 13 -35.61 -29.89 -9.37
C VAL B 13 -34.72 -31.05 -9.78
N LYS B 14 -34.25 -31.82 -8.81
CA LYS B 14 -33.30 -32.89 -9.05
C LYS B 14 -33.76 -34.18 -8.37
N LYS B 15 -33.34 -35.31 -8.95
CA LYS B 15 -33.62 -36.61 -8.36
C LYS B 15 -32.51 -36.99 -7.39
N PRO B 16 -32.81 -37.86 -6.42
CA PRO B 16 -31.77 -38.27 -5.47
C PRO B 16 -30.63 -38.99 -6.18
N GLY B 17 -29.40 -38.61 -5.83
CA GLY B 17 -28.22 -39.23 -6.38
C GLY B 17 -27.58 -38.48 -7.53
N SER B 18 -28.26 -37.49 -8.10
CA SER B 18 -27.72 -36.75 -9.23
C SER B 18 -26.93 -35.55 -8.72
N SER B 19 -26.59 -34.63 -9.63
CA SER B 19 -25.79 -33.47 -9.31
C SER B 19 -26.50 -32.21 -9.77
N VAL B 20 -26.10 -31.09 -9.17
CA VAL B 20 -26.66 -29.78 -9.49
C VAL B 20 -25.53 -28.76 -9.49
N LYS B 21 -25.57 -27.83 -10.43
CA LYS B 21 -24.57 -26.76 -10.51
C LYS B 21 -25.28 -25.42 -10.53
N VAL B 22 -25.01 -24.59 -9.53
CA VAL B 22 -25.60 -23.27 -9.40
C VAL B 22 -24.55 -22.23 -9.79
N SER B 23 -24.93 -21.29 -10.64
CA SER B 23 -24.03 -20.23 -11.08
C SER B 23 -24.28 -18.96 -10.28
N CYS B 24 -23.35 -18.02 -10.40
CA CYS B 24 -23.39 -16.78 -9.62
C CYS B 24 -22.55 -15.76 -10.37
N LYS B 25 -23.21 -14.84 -11.08
CA LYS B 25 -22.54 -13.85 -11.91
C LYS B 25 -22.40 -12.56 -11.12
N VAL B 26 -21.16 -12.09 -10.97
CA VAL B 26 -20.86 -10.88 -10.23
C VAL B 26 -20.64 -9.75 -11.23
N SER B 27 -21.43 -8.68 -11.10
CA SER B 27 -21.29 -7.49 -11.92
C SER B 27 -21.04 -6.29 -11.01
N GLY B 28 -20.24 -5.35 -11.50
CA GLY B 28 -19.71 -4.32 -10.65
C GLY B 28 -18.64 -4.87 -9.73
N GLY B 29 -17.81 -4.01 -9.18
CA GLY B 29 -16.77 -4.46 -8.26
C GLY B 29 -15.74 -5.37 -8.90
N THR B 30 -14.79 -5.85 -8.08
CA THR B 30 -13.67 -6.66 -8.55
C THR B 30 -13.90 -8.11 -8.15
N PHE B 31 -13.65 -9.02 -9.09
CA PHE B 31 -14.01 -10.43 -8.92
C PHE B 31 -12.83 -11.32 -8.58
N ASN B 32 -11.64 -11.04 -9.12
CA ASN B 32 -10.56 -12.02 -9.10
C ASN B 32 -9.89 -12.15 -7.75
N THR B 33 -9.89 -11.10 -6.93
CA THR B 33 -9.12 -11.09 -5.69
C THR B 33 -9.98 -11.10 -4.43
N TYR B 34 -11.30 -11.23 -4.56
CA TYR B 34 -12.19 -11.24 -3.41
C TYR B 34 -12.90 -12.59 -3.33
N ALA B 35 -13.17 -13.01 -2.09
CA ALA B 35 -13.71 -14.34 -1.85
C ALA B 35 -15.20 -14.40 -2.19
N ILE B 36 -15.59 -15.48 -2.84
CA ILE B 36 -16.99 -15.79 -3.11
C ILE B 36 -17.41 -16.88 -2.13
N ILE B 37 -18.54 -16.66 -1.47
CA ILE B 37 -19.04 -17.56 -0.44
C ILE B 37 -20.29 -18.24 -0.94
N TRP B 38 -20.52 -19.47 -0.47
CA TRP B 38 -21.73 -20.23 -0.78
C TRP B 38 -22.37 -20.67 0.52
N VAL B 39 -23.60 -20.22 0.75
CA VAL B 39 -24.35 -20.52 1.96
C VAL B 39 -25.74 -20.99 1.55
N ARG B 40 -26.23 -22.05 2.18
CA ARG B 40 -27.54 -22.60 1.87
C ARG B 40 -28.45 -22.48 3.10
N GLN B 41 -29.74 -22.66 2.85
CA GLN B 41 -30.75 -22.49 3.90
C GLN B 41 -31.92 -23.41 3.57
N ALA B 42 -32.04 -24.51 4.31
CA ALA B 42 -33.16 -25.42 4.12
C ALA B 42 -34.47 -24.68 4.40
N PRO B 43 -35.59 -25.22 3.92
CA PRO B 43 -36.87 -24.54 4.11
C PRO B 43 -37.19 -24.31 5.59
N GLY B 44 -37.26 -23.03 5.97
CA GLY B 44 -37.62 -22.68 7.33
C GLY B 44 -36.54 -23.00 8.35
N GLN B 45 -35.28 -23.02 7.95
CA GLN B 45 -34.17 -23.39 8.80
C GLN B 45 -33.14 -22.26 8.82
N GLY B 46 -31.99 -22.52 9.43
CA GLY B 46 -30.93 -21.55 9.55
C GLY B 46 -29.97 -21.59 8.38
N LEU B 47 -29.00 -20.67 8.43
CA LEU B 47 -27.98 -20.55 7.39
C LEU B 47 -26.81 -21.48 7.69
N GLU B 48 -26.21 -21.99 6.61
CA GLU B 48 -25.16 -22.99 6.72
C GLU B 48 -24.09 -22.72 5.68
N TRP B 49 -22.87 -22.42 6.14
CA TRP B 49 -21.75 -22.15 5.25
C TRP B 49 -21.27 -23.45 4.61
N MET B 50 -21.03 -23.41 3.31
CA MET B 50 -20.59 -24.57 2.54
C MET B 50 -19.13 -24.49 2.11
N GLY B 51 -18.69 -23.32 1.66
CA GLY B 51 -17.33 -23.19 1.16
C GLY B 51 -17.13 -21.80 0.59
N ALA B 52 -15.92 -21.59 0.09
CA ALA B 52 -15.55 -20.30 -0.48
C ALA B 52 -14.47 -20.50 -1.52
N ILE B 53 -14.17 -19.42 -2.25
CA ILE B 53 -13.11 -19.45 -3.26
C ILE B 53 -12.68 -18.02 -3.53
N ILE B 54 -11.37 -17.81 -3.59
CA ILE B 54 -10.79 -16.60 -4.16
C ILE B 54 -10.39 -16.94 -5.59
N PRO B 55 -11.07 -16.38 -6.61
CA PRO B 55 -10.93 -16.93 -7.97
C PRO B 55 -9.51 -17.09 -8.48
N PHE B 56 -8.60 -16.15 -8.20
CA PHE B 56 -7.27 -16.26 -8.77
C PHE B 56 -6.54 -17.51 -8.29
N GLN B 57 -6.96 -18.09 -7.16
CA GLN B 57 -6.31 -19.28 -6.63
C GLN B 57 -6.76 -20.56 -7.34
N ASP B 58 -7.91 -20.53 -8.00
CA ASP B 58 -8.46 -21.67 -8.73
C ASP B 58 -8.71 -22.88 -7.83
N ARG B 59 -8.67 -22.71 -6.51
CA ARG B 59 -8.95 -23.79 -5.57
C ARG B 59 -9.90 -23.27 -4.49
N GLY B 60 -10.91 -24.07 -4.18
CA GLY B 60 -11.88 -23.70 -3.18
C GLY B 60 -11.64 -24.39 -1.84
N GLN B 61 -12.22 -23.80 -0.79
CA GLN B 61 -12.19 -24.36 0.56
C GLN B 61 -13.61 -24.75 0.95
N TYR B 62 -13.73 -25.84 1.70
CA TYR B 62 -15.03 -26.46 1.93
C TYR B 62 -15.22 -26.86 3.38
N ALA B 63 -16.49 -26.92 3.78
CA ALA B 63 -16.85 -27.45 5.09
C ALA B 63 -16.83 -28.98 5.05
N GLN B 64 -16.44 -29.57 6.18
CA GLN B 64 -16.26 -31.02 6.24
C GLN B 64 -17.54 -31.76 5.87
N LYS B 65 -18.70 -31.22 6.23
CA LYS B 65 -19.97 -31.87 5.91
C LYS B 65 -20.07 -32.18 4.43
N PHE B 66 -19.63 -31.27 3.57
CA PHE B 66 -19.78 -31.39 2.14
C PHE B 66 -18.50 -31.84 1.42
N GLN B 67 -17.38 -31.95 2.13
CA GLN B 67 -16.14 -32.36 1.50
C GLN B 67 -16.29 -33.72 0.83
N GLY B 68 -15.67 -33.86 -0.34
CA GLY B 68 -15.81 -35.05 -1.14
C GLY B 68 -17.12 -35.14 -1.90
N ARG B 69 -17.88 -34.05 -1.98
CA ARG B 69 -19.24 -34.08 -2.48
C ARG B 69 -19.59 -32.80 -3.22
N VAL B 70 -18.74 -31.78 -3.10
CA VAL B 70 -19.03 -30.45 -3.64
C VAL B 70 -17.80 -29.92 -4.34
N THR B 71 -18.03 -29.05 -5.33
CA THR B 71 -16.95 -28.37 -6.04
C THR B 71 -17.36 -26.91 -6.23
N ILE B 72 -16.44 -25.99 -5.93
CA ILE B 72 -16.64 -24.57 -6.15
C ILE B 72 -15.56 -24.11 -7.13
N THR B 73 -16.00 -23.56 -8.25
CA THR B 73 -15.12 -23.07 -9.30
C THR B 73 -15.41 -21.60 -9.56
N ALA B 74 -14.56 -20.99 -10.39
CA ALA B 74 -14.74 -19.60 -10.77
C ALA B 74 -14.16 -19.39 -12.15
N ASP B 75 -14.98 -18.89 -13.07
CA ASP B 75 -14.55 -18.51 -14.41
C ASP B 75 -14.26 -17.00 -14.38
N LYS B 76 -12.98 -16.65 -14.48
CA LYS B 76 -12.60 -15.25 -14.36
C LYS B 76 -12.99 -14.45 -15.60
N SER B 77 -13.09 -15.11 -16.76
CA SER B 77 -13.44 -14.40 -17.98
C SER B 77 -14.87 -13.89 -17.95
N THR B 78 -15.77 -14.62 -17.27
CA THR B 78 -17.17 -14.23 -17.17
C THR B 78 -17.53 -13.71 -15.78
N SER B 79 -16.58 -13.65 -14.85
CA SER B 79 -16.84 -13.22 -13.48
C SER B 79 -18.00 -14.01 -12.89
N THR B 80 -17.92 -15.33 -13.01
CA THR B 80 -19.00 -16.23 -12.62
C THR B 80 -18.45 -17.32 -11.71
N ALA B 81 -19.05 -17.46 -10.54
CA ALA B 81 -18.71 -18.52 -9.61
C ALA B 81 -19.74 -19.63 -9.69
N TYR B 82 -19.28 -20.86 -9.50
CA TYR B 82 -20.15 -22.03 -9.57
C TYR B 82 -19.99 -22.88 -8.31
N MET B 83 -21.09 -23.48 -7.87
CA MET B 83 -21.08 -24.45 -6.78
C MET B 83 -21.82 -25.68 -7.28
N GLU B 84 -21.11 -26.80 -7.40
CA GLU B 84 -21.67 -28.05 -7.87
C GLU B 84 -21.72 -29.05 -6.72
N LEU B 85 -22.89 -29.65 -6.51
CA LEU B 85 -23.16 -30.52 -5.38
C LEU B 85 -23.69 -31.84 -5.89
N SER B 86 -22.94 -32.91 -5.64
CA SER B 86 -23.27 -34.24 -6.15
C SER B 86 -23.84 -35.11 -5.04
N SER B 87 -24.32 -36.29 -5.44
CA SER B 87 -24.97 -37.24 -4.53
C SER B 87 -26.05 -36.54 -3.72
N LEU B 88 -26.94 -35.85 -4.43
CA LEU B 88 -27.98 -35.06 -3.79
C LEU B 88 -28.87 -35.93 -2.91
N ARG B 89 -29.52 -35.27 -1.96
CA ARG B 89 -30.50 -35.91 -1.08
C ARG B 89 -31.73 -35.02 -0.97
N SER B 90 -32.81 -35.61 -0.46
CA SER B 90 -33.93 -34.79 0.00
C SER B 90 -33.46 -33.79 1.04
N GLU B 91 -32.44 -34.14 1.83
CA GLU B 91 -31.92 -33.23 2.83
C GLU B 91 -31.16 -32.06 2.23
N ASP B 92 -30.71 -32.18 0.97
CA ASP B 92 -30.07 -31.08 0.28
C ASP B 92 -31.08 -30.07 -0.28
N THR B 93 -32.37 -30.30 -0.08
CA THR B 93 -33.37 -29.32 -0.48
C THR B 93 -33.17 -28.05 0.32
N ALA B 94 -32.84 -26.96 -0.37
CA ALA B 94 -32.56 -25.70 0.30
C ALA B 94 -32.48 -24.60 -0.75
N VAL B 95 -32.46 -23.37 -0.27
CA VAL B 95 -32.09 -22.21 -1.08
C VAL B 95 -30.60 -21.98 -0.92
N TYR B 96 -29.88 -21.92 -2.04
CA TYR B 96 -28.43 -21.76 -2.03
C TYR B 96 -28.09 -20.33 -2.41
N TYR B 97 -27.37 -19.64 -1.53
CA TYR B 97 -26.93 -18.27 -1.75
C TYR B 97 -25.44 -18.26 -2.06
N CYS B 98 -25.05 -17.40 -3.00
CA CYS B 98 -23.65 -17.01 -3.13
C CYS B 98 -23.50 -15.61 -2.54
N ALA B 99 -22.31 -15.34 -2.01
CA ALA B 99 -22.04 -14.05 -1.41
C ALA B 99 -20.59 -13.67 -1.68
N LYS B 100 -20.30 -12.39 -1.49
CA LYS B 100 -18.97 -11.86 -1.77
C LYS B 100 -18.54 -10.95 -0.63
N GLU B 101 -17.27 -11.07 -0.23
CA GLU B 101 -16.66 -10.09 0.65
C GLU B 101 -16.11 -8.95 -0.20
N SER B 102 -16.07 -7.76 0.39
CA SER B 102 -15.74 -6.54 -0.34
C SER B 102 -14.64 -5.76 0.38
N GLY B 103 -13.66 -6.46 0.92
CA GLY B 103 -12.55 -5.82 1.59
C GLY B 103 -12.75 -5.56 3.06
N ARG B 104 -13.92 -5.89 3.61
CA ARG B 104 -14.21 -5.74 5.03
C ARG B 104 -14.39 -7.10 5.71
N ALA B 105 -13.87 -8.17 5.09
CA ALA B 105 -13.86 -9.51 5.67
C ALA B 105 -15.25 -10.14 5.68
N VAL B 106 -16.29 -9.36 5.93
CA VAL B 106 -17.65 -9.88 5.97
C VAL B 106 -18.19 -10.04 4.55
N ALA B 107 -19.09 -11.01 4.39
CA ALA B 107 -19.88 -11.15 3.17
C ALA B 107 -20.98 -10.11 3.21
N ASP B 108 -20.80 -9.01 2.49
CA ASP B 108 -21.74 -7.91 2.49
C ASP B 108 -22.46 -7.75 1.16
N ARG B 109 -22.35 -8.72 0.26
CA ARG B 109 -23.04 -8.70 -1.03
C ARG B 109 -23.59 -10.09 -1.29
N TRP B 110 -24.89 -10.19 -1.56
CA TRP B 110 -25.58 -11.46 -1.61
C TRP B 110 -26.37 -11.60 -2.91
N GLY B 111 -26.37 -12.81 -3.46
CA GLY B 111 -27.26 -13.12 -4.57
C GLY B 111 -28.68 -13.30 -4.09
N GLN B 112 -29.60 -13.45 -5.06
CA GLN B 112 -31.00 -13.61 -4.72
C GLN B 112 -31.33 -15.01 -4.20
N GLY B 113 -30.41 -15.95 -4.32
CA GLY B 113 -30.68 -17.32 -3.90
C GLY B 113 -31.21 -18.17 -5.03
N THR B 114 -30.97 -19.47 -4.92
CA THR B 114 -31.38 -20.44 -5.94
C THR B 114 -31.98 -21.64 -5.24
N LEU B 115 -33.27 -21.87 -5.43
CA LEU B 115 -33.94 -23.01 -4.83
C LEU B 115 -33.56 -24.29 -5.55
N VAL B 116 -33.08 -25.27 -4.81
CA VAL B 116 -32.85 -26.62 -5.32
C VAL B 116 -33.71 -27.57 -4.52
N THR B 117 -34.66 -28.21 -5.18
CA THR B 117 -35.55 -29.18 -4.56
C THR B 117 -35.18 -30.57 -5.04
N VAL B 118 -34.98 -31.50 -4.11
CA VAL B 118 -34.62 -32.87 -4.42
C VAL B 118 -35.81 -33.75 -4.06
N SER B 119 -36.48 -34.29 -5.07
CA SER B 119 -37.65 -35.11 -4.88
C SER B 119 -37.68 -36.18 -5.96
N SER B 120 -38.08 -37.39 -5.56
CA SER B 120 -38.15 -38.51 -6.50
C SER B 120 -39.25 -38.30 -7.53
N SER B 145 -14.05 -29.12 16.03
CA SER B 145 -13.56 -27.91 16.67
C SER B 145 -14.03 -26.66 15.92
N ASP B 146 -15.34 -26.56 15.73
CA ASP B 146 -15.95 -25.44 15.02
C ASP B 146 -16.70 -24.56 16.01
N ILE B 147 -16.57 -23.24 15.84
CA ILE B 147 -17.24 -22.31 16.74
C ILE B 147 -18.74 -22.50 16.65
N VAL B 148 -19.38 -22.67 17.80
CA VAL B 148 -20.83 -22.88 17.90
C VAL B 148 -21.46 -21.58 18.38
N MET B 149 -22.35 -21.03 17.56
CA MET B 149 -23.04 -19.78 17.89
C MET B 149 -24.40 -20.11 18.49
N THR B 150 -24.67 -19.57 19.68
CA THR B 150 -25.92 -19.81 20.39
C THR B 150 -26.61 -18.47 20.59
N GLN B 151 -27.86 -18.39 20.15
CA GLN B 151 -28.60 -17.13 20.06
C GLN B 151 -29.88 -17.24 20.88
N SER B 152 -30.20 -16.16 21.59
CA SER B 152 -31.40 -16.13 22.43
C SER B 152 -31.92 -14.70 22.46
N PRO B 153 -33.25 -14.51 22.57
CA PRO B 153 -34.25 -15.58 22.62
C PRO B 153 -34.51 -16.18 21.24
N ALA B 154 -35.10 -17.36 21.18
CA ALA B 154 -35.45 -17.96 19.89
C ALA B 154 -36.48 -17.11 19.17
N SER B 155 -37.41 -16.52 19.91
CA SER B 155 -38.40 -15.61 19.36
C SER B 155 -38.66 -14.50 20.37
N LEU B 156 -39.14 -13.37 19.87
CA LEU B 156 -39.35 -12.19 20.70
C LEU B 156 -40.55 -11.42 20.14
N ALA B 157 -41.54 -11.18 20.98
CA ALA B 157 -42.78 -10.50 20.60
C ALA B 157 -42.84 -9.16 21.31
N LEU B 158 -42.70 -8.08 20.56
CA LEU B 158 -42.65 -6.74 21.11
C LEU B 158 -43.52 -5.80 20.29
N SER B 159 -43.82 -4.65 20.86
CA SER B 159 -44.64 -3.63 20.22
C SER B 159 -43.75 -2.50 19.69
N LEU B 160 -44.35 -1.65 18.87
CA LEU B 160 -43.63 -0.54 18.27
C LEU B 160 -43.16 0.43 19.35
N GLY B 161 -41.98 1.02 19.11
CA GLY B 161 -41.41 1.96 20.05
C GLY B 161 -40.65 1.34 21.20
N GLU B 162 -40.65 0.02 21.32
CA GLU B 162 -40.02 -0.67 22.44
C GLU B 162 -38.61 -1.10 22.09
N ARG B 163 -37.79 -1.25 23.13
CA ARG B 163 -36.38 -1.59 22.98
C ARG B 163 -36.24 -3.11 22.81
N ALA B 164 -35.59 -3.52 21.73
CA ALA B 164 -35.32 -4.93 21.46
C ALA B 164 -33.87 -5.24 21.78
N THR B 165 -33.64 -6.42 22.34
CA THR B 165 -32.29 -6.86 22.70
C THR B 165 -32.13 -8.33 22.33
N LEU B 166 -31.20 -8.61 21.43
CA LEU B 166 -30.90 -9.97 20.99
C LEU B 166 -29.51 -10.37 21.45
N TYR B 167 -29.39 -11.61 21.92
CA TYR B 167 -28.15 -12.12 22.48
C TYR B 167 -27.57 -13.20 21.58
N CYS B 168 -26.24 -13.33 21.63
CA CYS B 168 -25.51 -14.27 20.79
C CYS B 168 -24.22 -14.64 21.52
N ARG B 169 -23.99 -15.94 21.68
CA ARG B 169 -22.81 -16.44 22.37
C ARG B 169 -22.00 -17.34 21.45
N ALA B 170 -20.68 -17.24 21.55
CA ALA B 170 -19.74 -18.04 20.77
C ALA B 170 -19.03 -19.01 21.71
N SER B 171 -18.96 -20.28 21.29
CA SER B 171 -18.34 -21.30 22.13
C SER B 171 -16.84 -21.06 22.31
N HIS B 172 -16.22 -20.33 21.39
CA HIS B 172 -14.81 -19.94 21.51
C HIS B 172 -14.69 -18.48 21.14
N SER B 173 -13.68 -17.82 21.70
CA SER B 173 -13.49 -16.39 21.46
C SER B 173 -13.38 -16.12 19.97
N ILE B 174 -14.14 -15.12 19.51
CA ILE B 174 -14.10 -14.67 18.13
C ILE B 174 -13.62 -13.23 18.04
N SER B 175 -13.05 -12.70 19.11
CA SER B 175 -12.61 -11.30 19.17
C SER B 175 -13.79 -10.42 18.82
N SER B 176 -13.73 -9.58 17.79
CA SER B 176 -14.83 -8.78 17.33
C SER B 176 -15.31 -9.17 15.95
N TRP B 177 -14.88 -10.32 15.42
CA TRP B 177 -15.27 -10.76 14.09
C TRP B 177 -16.67 -11.39 14.15
N LEU B 178 -17.67 -10.52 14.34
CA LEU B 178 -19.06 -10.95 14.42
C LEU B 178 -19.94 -10.01 13.63
N ALA B 179 -20.88 -10.58 12.89
CA ALA B 179 -21.80 -9.84 12.05
C ALA B 179 -23.24 -10.17 12.43
N TRP B 180 -24.13 -9.20 12.21
CA TRP B 180 -25.55 -9.34 12.46
C TRP B 180 -26.30 -9.16 11.14
N TYR B 181 -27.13 -10.15 10.79
CA TYR B 181 -27.90 -10.11 9.56
C TYR B 181 -29.39 -10.00 9.86
N GLN B 182 -30.10 -9.28 9.02
CA GLN B 182 -31.56 -9.24 9.02
C GLN B 182 -32.06 -10.00 7.80
N GLN B 183 -32.94 -10.97 8.03
CA GLN B 183 -33.50 -11.77 6.94
C GLN B 183 -35.02 -11.63 6.96
N LYS B 184 -35.57 -11.00 5.94
CA LYS B 184 -37.01 -10.99 5.71
C LYS B 184 -37.42 -12.27 5.00
N PRO B 185 -38.69 -12.63 5.05
CA PRO B 185 -39.15 -13.83 4.33
C PRO B 185 -38.93 -13.68 2.83
N GLY B 186 -38.41 -14.73 2.20
CA GLY B 186 -38.19 -14.76 0.78
C GLY B 186 -36.97 -14.01 0.29
N LYS B 187 -36.36 -13.18 1.11
CA LYS B 187 -35.18 -12.42 0.73
C LYS B 187 -33.92 -13.09 1.27
N ALA B 188 -32.77 -12.56 0.86
CA ALA B 188 -31.50 -13.03 1.35
C ALA B 188 -31.11 -12.28 2.62
N PRO B 189 -30.15 -12.81 3.38
CA PRO B 189 -29.68 -12.07 4.55
C PRO B 189 -29.13 -10.71 4.16
N LYS B 190 -29.45 -9.71 4.97
CA LYS B 190 -29.02 -8.33 4.76
C LYS B 190 -28.14 -7.93 5.94
N LEU B 191 -26.91 -7.49 5.64
CA LEU B 191 -25.94 -7.20 6.70
C LEU B 191 -26.26 -5.87 7.37
N LEU B 192 -26.43 -5.91 8.69
CA LEU B 192 -26.71 -4.71 9.48
C LEU B 192 -25.50 -4.21 10.24
N ILE B 193 -24.73 -5.12 10.85
CA ILE B 193 -23.60 -4.77 11.71
C ILE B 193 -22.49 -5.76 11.46
N TYR B 194 -21.27 -5.26 11.28
CA TYR B 194 -20.07 -6.08 11.20
C TYR B 194 -19.05 -5.55 12.20
N LYS B 195 -18.02 -6.36 12.45
CA LYS B 195 -17.03 -6.07 13.48
C LYS B 195 -17.71 -5.77 14.81
N ALA B 196 -18.80 -6.49 15.09
CA ALA B 196 -19.50 -6.45 16.37
C ALA B 196 -20.38 -5.22 16.54
N SER B 197 -19.93 -4.05 16.06
CA SER B 197 -20.69 -2.83 16.29
C SER B 197 -20.62 -1.81 15.16
N THR B 198 -20.01 -2.13 14.01
CA THR B 198 -19.94 -1.20 12.89
C THR B 198 -21.20 -1.35 12.04
N LEU B 199 -22.01 -0.29 11.98
CA LEU B 199 -23.22 -0.33 11.18
C LEU B 199 -22.88 -0.26 9.70
N GLU B 200 -23.46 -1.16 8.91
CA GLU B 200 -23.37 -1.05 7.46
C GLU B 200 -24.00 0.26 7.01
N SER B 201 -23.52 0.78 5.88
CA SER B 201 -24.07 2.02 5.34
C SER B 201 -25.55 1.85 5.04
N GLY B 202 -26.33 2.88 5.36
CA GLY B 202 -27.76 2.85 5.15
C GLY B 202 -28.58 2.27 6.27
N VAL B 203 -27.94 1.76 7.33
CA VAL B 203 -28.64 1.20 8.48
C VAL B 203 -28.96 2.33 9.45
N PRO B 204 -30.23 2.49 9.86
CA PRO B 204 -30.56 3.60 10.76
C PRO B 204 -29.86 3.45 12.11
N SER B 205 -29.72 4.60 12.79
CA SER B 205 -28.94 4.65 14.02
C SER B 205 -29.61 3.89 15.16
N ARG B 206 -30.89 3.58 15.05
CA ARG B 206 -31.55 2.84 16.13
C ARG B 206 -31.01 1.43 16.29
N PHE B 207 -30.23 0.94 15.32
CA PHE B 207 -29.52 -0.33 15.46
C PHE B 207 -28.16 -0.07 16.10
N SER B 208 -27.75 -0.97 16.98
CA SER B 208 -26.44 -0.87 17.62
C SER B 208 -25.96 -2.26 17.98
N GLY B 209 -24.65 -2.44 17.94
CA GLY B 209 -24.04 -3.71 18.29
C GLY B 209 -23.09 -3.54 19.45
N SER B 210 -22.83 -4.63 20.19
CA SER B 210 -21.96 -4.55 21.35
C SER B 210 -21.44 -5.95 21.66
N GLY B 211 -20.37 -6.00 22.43
CA GLY B 211 -19.80 -7.27 22.85
C GLY B 211 -18.43 -7.52 22.25
N SER B 212 -17.67 -8.36 22.94
CA SER B 212 -16.34 -8.74 22.50
C SER B 212 -15.98 -10.06 23.16
N GLY B 213 -15.29 -10.91 22.42
CA GLY B 213 -14.90 -12.20 22.95
C GLY B 213 -15.91 -13.29 22.66
N THR B 214 -16.88 -13.48 23.57
CA THR B 214 -17.85 -14.56 23.45
C THR B 214 -19.29 -14.13 23.63
N GLU B 215 -19.56 -12.92 24.11
CA GLU B 215 -20.91 -12.45 24.35
C GLU B 215 -21.15 -11.17 23.55
N PHE B 216 -22.20 -11.18 22.73
CA PHE B 216 -22.52 -10.07 21.85
C PHE B 216 -24.01 -9.78 21.92
N THR B 217 -24.37 -8.53 21.64
CA THR B 217 -25.76 -8.11 21.69
C THR B 217 -26.10 -7.23 20.49
N LEU B 218 -27.32 -7.37 20.00
CA LEU B 218 -27.90 -6.47 19.01
C LEU B 218 -29.09 -5.78 19.67
N THR B 219 -29.14 -4.46 19.58
CA THR B 219 -30.18 -3.68 20.22
C THR B 219 -30.86 -2.79 19.20
N ILE B 220 -32.19 -2.77 19.22
CA ILE B 220 -33.00 -1.83 18.45
C ILE B 220 -33.61 -0.87 19.46
N SER B 221 -33.16 0.39 19.42
CA SER B 221 -33.50 1.33 20.49
C SER B 221 -34.99 1.63 20.52
N SER B 222 -35.63 1.76 19.36
CA SER B 222 -37.07 1.94 19.27
C SER B 222 -37.57 1.21 18.05
N LEU B 223 -38.43 0.21 18.26
CA LEU B 223 -38.86 -0.65 17.17
C LEU B 223 -39.70 0.12 16.16
N GLN B 224 -39.48 -0.19 14.88
CA GLN B 224 -40.23 0.41 13.79
C GLN B 224 -40.89 -0.69 12.97
N PRO B 225 -41.83 -0.37 12.08
CA PRO B 225 -42.49 -1.44 11.31
C PRO B 225 -41.54 -2.29 10.49
N ASP B 226 -40.50 -1.69 9.91
CA ASP B 226 -39.60 -2.43 9.04
C ASP B 226 -38.68 -3.38 9.78
N ASP B 227 -38.67 -3.34 11.12
CA ASP B 227 -37.69 -4.12 11.87
C ASP B 227 -38.09 -5.58 12.04
N PHE B 228 -39.38 -5.88 12.05
CA PHE B 228 -39.87 -7.21 12.39
C PHE B 228 -39.46 -8.20 11.32
N ALA B 229 -38.54 -9.09 11.67
CA ALA B 229 -37.95 -10.07 10.77
C ALA B 229 -37.24 -11.10 11.64
N THR B 230 -36.42 -11.95 11.00
CA THR B 230 -35.56 -12.90 11.71
C THR B 230 -34.12 -12.41 11.62
N TYR B 231 -33.43 -12.39 12.76
CA TYR B 231 -32.08 -11.87 12.85
C TYR B 231 -31.11 -13.00 13.19
N TYR B 232 -29.97 -13.01 12.50
CA TYR B 232 -28.93 -14.00 12.71
C TYR B 232 -27.64 -13.30 13.10
N CYS B 233 -26.88 -13.92 14.00
CA CYS B 233 -25.49 -13.55 14.23
C CYS B 233 -24.59 -14.58 13.55
N GLN B 234 -23.41 -14.13 13.15
CA GLN B 234 -22.47 -15.01 12.45
C GLN B 234 -21.05 -14.60 12.80
N GLN B 235 -20.23 -15.59 13.15
CA GLN B 235 -18.80 -15.38 13.35
C GLN B 235 -18.07 -15.56 12.02
N TYR B 236 -17.15 -14.65 11.73
CA TYR B 236 -16.28 -14.78 10.58
C TYR B 236 -14.82 -14.67 11.02
N LYS B 237 -14.50 -15.18 12.21
CA LYS B 237 -13.12 -15.28 12.64
C LYS B 237 -12.37 -16.33 11.82
N SER B 238 -13.00 -17.49 11.60
CA SER B 238 -12.32 -18.61 10.98
C SER B 238 -13.33 -19.50 10.27
N TYR B 239 -12.96 -19.96 9.07
CA TYR B 239 -13.76 -20.99 8.42
C TYR B 239 -13.75 -22.25 9.29
N PRO B 240 -14.86 -23.01 9.33
CA PRO B 240 -16.15 -22.77 8.67
C PRO B 240 -16.97 -21.70 9.37
N TRP B 241 -17.36 -20.66 8.65
CA TRP B 241 -18.24 -19.65 9.25
C TRP B 241 -19.50 -20.32 9.77
N THR B 242 -19.98 -19.84 10.92
CA THR B 242 -21.09 -20.46 11.62
C THR B 242 -22.11 -19.40 12.00
N PHE B 243 -23.38 -19.79 11.97
CA PHE B 243 -24.49 -18.90 12.27
C PHE B 243 -25.23 -19.39 13.51
N GLY B 244 -25.78 -18.44 14.26
CA GLY B 244 -26.79 -18.79 15.24
C GLY B 244 -28.09 -19.18 14.59
N GLN B 245 -28.96 -19.80 15.37
CA GLN B 245 -30.23 -20.27 14.83
C GLN B 245 -31.27 -19.16 14.69
N GLY B 246 -30.90 -17.92 14.97
CA GLY B 246 -31.74 -16.78 14.66
C GLY B 246 -32.77 -16.48 15.73
N THR B 247 -33.26 -15.24 15.70
CA THR B 247 -34.31 -14.77 16.59
C THR B 247 -35.43 -14.18 15.73
N LYS B 248 -36.57 -14.85 15.71
CA LYS B 248 -37.76 -14.32 15.03
C LYS B 248 -38.35 -13.22 15.90
N LEU B 249 -38.28 -11.98 15.44
CA LEU B 249 -38.80 -10.82 16.15
C LEU B 249 -40.07 -10.37 15.45
N GLU B 250 -41.22 -10.64 16.06
CA GLU B 250 -42.52 -10.34 15.48
C GLU B 250 -43.26 -9.32 16.35
N ILE B 251 -44.31 -8.74 15.77
CA ILE B 251 -45.15 -7.80 16.50
C ILE B 251 -45.96 -8.53 17.56
N LYS B 252 -46.25 -7.84 18.65
CA LYS B 252 -47.14 -8.36 19.69
C LYS B 252 -48.59 -8.15 19.27
N ARG B 253 -49.43 -9.13 19.57
CA ARG B 253 -50.84 -9.14 19.12
C ARG B 253 -51.43 -7.75 18.90
N GLU C 3 10.55 23.40 9.02
CA GLU C 3 11.74 24.25 9.35
C GLU C 3 13.02 23.44 9.28
N VAL C 4 13.15 22.60 8.24
CA VAL C 4 14.31 21.73 8.13
C VAL C 4 15.53 22.56 7.76
N GLN C 5 16.61 22.37 8.51
CA GLN C 5 17.86 23.08 8.24
C GLN C 5 19.03 22.14 8.51
N LEU C 6 20.08 22.32 7.71
CA LEU C 6 21.33 21.57 7.85
C LEU C 6 22.47 22.57 7.92
N VAL C 7 23.29 22.45 8.97
CA VAL C 7 24.34 23.42 9.25
C VAL C 7 25.66 22.66 9.40
N GLU C 8 26.58 22.89 8.47
CA GLU C 8 27.88 22.25 8.50
C GLU C 8 28.87 23.06 9.33
N SER C 9 29.98 22.42 9.69
CA SER C 9 31.07 23.10 10.38
C SER C 9 32.31 22.22 10.26
N GLY C 10 33.46 22.81 10.61
CA GLY C 10 34.73 22.14 10.54
C GLY C 10 35.60 22.55 9.37
N GLY C 11 35.06 23.30 8.42
CA GLY C 11 35.83 23.71 7.27
C GLY C 11 37.05 24.53 7.65
N GLY C 12 37.86 24.82 6.65
CA GLY C 12 39.06 25.60 6.84
C GLY C 12 40.15 25.16 5.89
N LEU C 13 41.35 25.70 6.13
CA LEU C 13 42.50 25.45 5.28
C LEU C 13 43.34 24.33 5.88
N VAL C 14 43.69 23.35 5.04
CA VAL C 14 44.42 22.16 5.45
C VAL C 14 45.64 22.00 4.57
N LYS C 15 46.75 21.56 5.17
CA LYS C 15 47.95 21.28 4.39
C LYS C 15 47.79 19.96 3.64
N PRO C 16 48.36 19.84 2.45
CA PRO C 16 48.27 18.57 1.71
C PRO C 16 48.82 17.42 2.52
N GLY C 17 47.99 16.40 2.73
CA GLY C 17 48.36 15.26 3.54
C GLY C 17 47.78 15.27 4.94
N GLY C 18 47.13 16.37 5.35
CA GLY C 18 46.54 16.47 6.66
C GLY C 18 45.14 15.89 6.71
N SER C 19 44.50 16.05 7.86
CA SER C 19 43.18 15.52 8.12
C SER C 19 42.23 16.65 8.49
N LEU C 20 40.93 16.33 8.46
CA LEU C 20 39.90 17.30 8.78
C LEU C 20 38.60 16.56 9.07
N ARG C 21 37.89 16.98 10.11
CA ARG C 21 36.63 16.39 10.52
C ARG C 21 35.51 17.40 10.24
N LEU C 22 34.63 17.05 9.31
CA LEU C 22 33.45 17.86 9.03
C LEU C 22 32.26 17.35 9.84
N SER C 23 31.42 18.27 10.29
CA SER C 23 30.23 17.95 11.05
C SER C 23 29.04 18.69 10.47
N CYS C 24 27.87 18.06 10.55
CA CYS C 24 26.63 18.66 10.10
C CYS C 24 25.55 18.33 11.12
N THR C 25 24.86 19.37 11.61
CA THR C 25 23.86 19.24 12.65
C THR C 25 22.49 19.56 12.05
N ALA C 26 21.52 18.68 12.30
CA ALA C 26 20.23 18.73 11.64
C ALA C 26 19.14 19.24 12.58
N SER C 27 18.16 19.94 12.01
CA SER C 27 17.01 20.42 12.75
C SER C 27 15.76 20.34 11.88
N GLY C 28 14.61 20.19 12.53
CA GLY C 28 13.33 20.38 11.88
C GLY C 28 12.66 19.14 11.35
N PHE C 29 13.30 17.98 11.41
CA PHE C 29 12.73 16.76 10.85
C PHE C 29 13.22 15.56 11.67
N PRO C 30 12.49 14.44 11.63
CA PRO C 30 12.96 13.24 12.35
C PRO C 30 14.24 12.69 11.73
N PHE C 31 15.37 12.98 12.38
CA PHE C 31 16.67 12.60 11.83
C PHE C 31 16.79 11.09 11.68
N THR C 32 16.11 10.32 12.53
CA THR C 32 16.17 8.87 12.49
C THR C 32 15.37 8.26 11.34
N SER C 33 14.65 9.07 10.56
CA SER C 33 13.86 8.59 9.44
C SER C 33 14.44 8.95 8.09
N TYR C 34 15.68 9.44 8.05
CA TYR C 34 16.27 9.99 6.84
C TYR C 34 17.73 9.61 6.72
N SER C 35 18.10 9.03 5.58
CA SER C 35 19.50 8.86 5.21
C SER C 35 20.11 10.24 4.91
N MET C 36 21.44 10.29 4.90
CA MET C 36 22.17 11.53 4.72
C MET C 36 23.30 11.34 3.71
N ASN C 37 23.70 12.46 3.08
CA ASN C 37 24.73 12.47 2.06
C ASN C 37 25.71 13.60 2.29
N TRP C 38 26.88 13.47 1.65
CA TRP C 38 27.83 14.56 1.45
C TRP C 38 28.09 14.71 -0.04
N VAL C 39 27.91 15.92 -0.56
CA VAL C 39 28.25 16.26 -1.95
C VAL C 39 29.21 17.45 -1.91
N ARG C 40 30.21 17.45 -2.78
CA ARG C 40 31.23 18.49 -2.80
C ARG C 40 31.30 19.15 -4.18
N GLN C 41 31.60 20.44 -4.19
CA GLN C 41 31.75 21.22 -5.41
C GLN C 41 33.05 22.00 -5.36
N ALA C 42 34.03 21.59 -6.17
CA ALA C 42 35.28 22.32 -6.27
C ALA C 42 35.01 23.74 -6.79
N PRO C 43 35.93 24.67 -6.55
CA PRO C 43 35.71 26.06 -6.98
C PRO C 43 35.60 26.16 -8.49
N GLY C 44 34.45 26.64 -8.96
CA GLY C 44 34.20 26.84 -10.37
C GLY C 44 33.69 25.62 -11.11
N LYS C 45 33.67 24.46 -10.47
CA LYS C 45 33.35 23.19 -11.11
C LYS C 45 31.95 22.72 -10.68
N GLY C 46 31.68 21.43 -10.84
CA GLY C 46 30.36 20.89 -10.62
C GLY C 46 30.25 20.05 -9.36
N LEU C 47 29.10 19.39 -9.22
CA LEU C 47 28.77 18.63 -8.02
C LEU C 47 29.30 17.20 -8.13
N GLU C 48 29.91 16.73 -7.04
CA GLU C 48 30.42 15.36 -6.96
C GLU C 48 29.96 14.74 -5.64
N TRP C 49 29.16 13.68 -5.73
CA TRP C 49 28.75 12.94 -4.54
C TRP C 49 29.96 12.30 -3.87
N VAL C 50 29.97 12.33 -2.54
CA VAL C 50 31.10 11.87 -1.74
C VAL C 50 30.76 10.58 -0.99
N SER C 51 29.70 10.61 -0.18
CA SER C 51 29.37 9.47 0.66
C SER C 51 27.90 9.56 1.07
N SER C 52 27.36 8.42 1.48
CA SER C 52 26.01 8.34 2.03
C SER C 52 26.02 7.40 3.22
N ILE C 53 25.11 7.66 4.16
CA ILE C 53 24.90 6.81 5.33
C ILE C 53 23.41 6.71 5.57
N THR C 54 22.94 5.49 5.84
CA THR C 54 21.53 5.27 6.05
C THR C 54 21.10 5.71 7.45
N SER C 55 19.77 5.79 7.63
CA SER C 55 19.21 6.25 8.91
C SER C 55 19.83 5.51 10.09
N SER C 56 19.91 4.18 9.99
CA SER C 56 20.39 3.34 11.09
C SER C 56 21.89 3.06 11.04
N SER C 57 22.60 3.63 10.06
CA SER C 57 24.02 3.41 9.86
C SER C 57 24.32 1.97 9.43
N ALA C 58 23.31 1.27 8.93
CA ALA C 58 23.49 -0.13 8.51
C ALA C 58 24.24 -0.24 7.20
N TYR C 59 24.14 0.78 6.33
CA TYR C 59 24.75 0.74 5.01
C TYR C 59 25.40 2.08 4.73
N VAL C 60 26.71 2.07 4.53
CA VAL C 60 27.46 3.25 4.09
C VAL C 60 27.92 2.99 2.66
N LYS C 61 27.99 4.07 1.89
CA LYS C 61 28.47 4.01 0.51
C LYS C 61 29.40 5.20 0.29
N TYR C 62 30.47 4.98 -0.48
CA TYR C 62 31.44 6.01 -0.79
C TYR C 62 31.73 6.04 -2.29
N ALA C 63 32.19 7.19 -2.75
CA ALA C 63 32.72 7.33 -4.10
C ALA C 63 34.18 6.92 -4.12
N ASP C 64 34.62 6.33 -5.23
CA ASP C 64 35.99 5.85 -5.34
C ASP C 64 37.00 6.99 -5.29
N SER C 65 36.57 8.22 -5.61
CA SER C 65 37.42 9.39 -5.39
C SER C 65 37.94 9.43 -3.96
N VAL C 66 37.12 9.02 -2.99
CA VAL C 66 37.40 9.18 -1.58
C VAL C 66 37.47 7.85 -0.83
N LYS C 67 37.19 6.72 -1.48
CA LYS C 67 37.28 5.43 -0.82
C LYS C 67 38.68 5.24 -0.23
N GLY C 68 38.74 4.73 1.00
CA GLY C 68 39.98 4.50 1.70
C GLY C 68 40.42 5.65 2.58
N ARG C 69 40.03 6.88 2.23
CA ARG C 69 40.45 8.08 2.95
C ARG C 69 39.35 8.73 3.77
N PHE C 70 38.10 8.59 3.36
CA PHE C 70 36.96 9.25 4.00
C PHE C 70 36.13 8.22 4.77
N THR C 71 35.55 8.67 5.90
CA THR C 71 34.70 7.81 6.73
C THR C 71 33.50 8.61 7.21
N ILE C 72 32.30 8.10 6.92
CA ILE C 72 31.05 8.78 7.26
C ILE C 72 30.46 8.12 8.51
N SER C 73 29.85 8.93 9.37
CA SER C 73 29.24 8.43 10.60
C SER C 73 28.11 9.36 11.01
N ARG C 74 27.27 8.89 11.93
CA ARG C 74 26.19 9.69 12.47
C ARG C 74 25.92 9.30 13.91
N ASP C 75 25.46 10.28 14.69
CA ASP C 75 24.91 10.09 16.03
C ASP C 75 23.52 10.70 16.03
N ASN C 76 22.49 9.85 16.03
CA ASN C 76 21.12 10.35 15.94
C ASN C 76 20.64 10.99 17.24
N ALA C 77 21.28 10.69 18.37
CA ALA C 77 20.91 11.36 19.61
C ALA C 77 21.35 12.82 19.60
N LYS C 78 22.38 13.14 18.82
CA LYS C 78 22.90 14.49 18.68
C LYS C 78 22.51 15.13 17.35
N ASN C 79 21.56 14.52 16.63
CA ASN C 79 21.23 14.87 15.25
C ASN C 79 22.48 15.29 14.48
N LEU C 80 23.49 14.42 14.48
CA LEU C 80 24.81 14.73 13.97
C LEU C 80 25.16 13.81 12.80
N LEU C 81 25.71 14.41 11.74
CA LEU C 81 26.37 13.70 10.66
C LEU C 81 27.82 14.14 10.62
N SER C 82 28.72 13.21 10.28
CA SER C 82 30.16 13.48 10.33
C SER C 82 30.87 12.85 9.15
N LEU C 83 31.98 13.47 8.74
CA LEU C 83 32.82 12.97 7.65
C LEU C 83 34.27 13.23 8.05
N GLN C 84 34.98 12.19 8.47
CA GLN C 84 36.43 12.28 8.66
C GLN C 84 37.11 12.19 7.30
N MET C 85 38.04 13.10 7.04
CA MET C 85 38.71 13.19 5.75
C MET C 85 40.22 13.10 5.99
N ASN C 86 40.83 12.01 5.54
CA ASN C 86 42.24 11.75 5.75
C ASN C 86 43.00 11.83 4.43
N SER C 87 44.32 11.93 4.54
CA SER C 87 45.24 11.97 3.40
C SER C 87 44.71 12.89 2.30
N LEU C 88 44.45 14.13 2.69
CA LEU C 88 43.81 15.08 1.79
C LEU C 88 44.77 15.53 0.70
N ARG C 89 44.19 16.04 -0.39
CA ARG C 89 44.93 16.49 -1.55
C ARG C 89 44.32 17.80 -2.05
N VAL C 90 45.03 18.47 -2.96
CA VAL C 90 44.53 19.71 -3.52
C VAL C 90 43.24 19.46 -4.30
N GLY C 91 43.10 18.27 -4.89
CA GLY C 91 41.87 17.93 -5.59
C GLY C 91 40.66 17.88 -4.68
N ASP C 92 40.87 17.75 -3.37
CA ASP C 92 39.77 17.71 -2.40
C ASP C 92 39.28 19.09 -2.00
N THR C 93 39.91 20.15 -2.51
CA THR C 93 39.45 21.50 -2.28
C THR C 93 38.04 21.67 -2.85
N ALA C 94 37.09 22.04 -2.01
CA ALA C 94 35.69 22.12 -2.44
C ALA C 94 34.82 22.60 -1.29
N VAL C 95 33.64 23.13 -1.66
CA VAL C 95 32.55 23.29 -0.71
C VAL C 95 31.95 21.91 -0.44
N TYR C 96 31.71 21.60 0.84
CA TYR C 96 31.23 20.30 1.26
C TYR C 96 29.82 20.45 1.85
N TYR C 97 28.81 20.14 1.05
CA TYR C 97 27.42 20.21 1.47
C TYR C 97 27.00 18.92 2.15
N CYS C 98 26.23 19.04 3.23
CA CYS C 98 25.48 17.90 3.77
C CYS C 98 24.06 18.00 3.25
N ALA C 99 23.53 16.88 2.75
CA ALA C 99 22.29 16.89 1.98
C ALA C 99 21.42 15.73 2.45
N ARG C 100 20.20 16.04 2.87
CA ARG C 100 19.25 15.01 3.26
C ARG C 100 18.76 14.26 2.03
N ALA C 101 18.67 12.94 2.15
CA ALA C 101 18.17 12.12 1.06
C ALA C 101 16.67 12.30 0.92
N GLY C 102 16.21 12.36 -0.33
CA GLY C 102 14.81 12.47 -0.64
C GLY C 102 14.26 11.22 -1.30
N VAL C 103 13.00 11.33 -1.75
CA VAL C 103 12.41 10.25 -2.52
C VAL C 103 13.16 10.07 -3.83
N GLY C 104 13.63 11.16 -4.42
CA GLY C 104 14.61 11.12 -5.49
C GLY C 104 15.94 11.61 -5.00
N ALA C 105 16.51 12.60 -5.68
CA ALA C 105 17.79 13.17 -5.27
C ALA C 105 17.66 13.90 -3.93
N PRO C 106 18.78 14.18 -3.27
CA PRO C 106 18.71 14.86 -1.96
C PRO C 106 17.94 16.16 -2.05
N ASP C 107 16.96 16.32 -1.16
CA ASP C 107 15.99 17.40 -1.29
C ASP C 107 16.34 18.67 -0.51
N TYR C 108 17.08 18.56 0.59
CA TYR C 108 17.49 19.72 1.36
C TYR C 108 18.99 19.69 1.57
N TRP C 109 19.62 20.85 1.36
CA TRP C 109 21.07 20.99 1.41
C TRP C 109 21.46 22.10 2.39
N GLY C 110 22.63 21.94 3.00
CA GLY C 110 23.22 23.02 3.78
C GLY C 110 23.99 23.99 2.91
N GLN C 111 24.41 25.11 3.52
CA GLN C 111 25.15 26.10 2.75
C GLN C 111 26.57 25.65 2.42
N GLY C 112 27.08 24.64 3.11
CA GLY C 112 28.36 24.06 2.76
C GLY C 112 29.52 24.58 3.58
N ALA C 113 30.43 23.68 3.95
CA ALA C 113 31.65 24.04 4.65
C ALA C 113 32.78 24.19 3.64
N GLN C 114 33.42 25.35 3.64
CA GLN C 114 34.53 25.61 2.73
C GLN C 114 35.77 24.89 3.22
N VAL C 115 36.31 24.01 2.39
CA VAL C 115 37.52 23.25 2.71
C VAL C 115 38.55 23.52 1.62
N THR C 116 39.72 24.00 2.03
CA THR C 116 40.81 24.34 1.11
C THR C 116 42.03 23.52 1.52
N VAL C 117 42.59 22.78 0.56
CA VAL C 117 43.78 21.97 0.78
C VAL C 117 44.89 22.60 -0.05
N SER C 118 45.76 23.36 0.61
CA SER C 118 46.80 24.10 -0.10
C SER C 118 48.03 24.22 0.78
N SER C 119 49.15 24.56 0.15
CA SER C 119 50.41 24.76 0.84
C SER C 119 50.68 26.24 1.04
N SER C 141 29.49 6.87 -15.96
CA SER C 141 30.21 7.38 -14.79
C SER C 141 29.79 8.81 -14.47
N VAL C 142 29.31 9.52 -15.49
CA VAL C 142 28.86 10.91 -15.33
C VAL C 142 27.76 11.15 -16.35
N LEU C 143 26.87 12.08 -16.03
CA LEU C 143 25.82 12.47 -16.95
C LEU C 143 26.29 13.62 -17.83
N THR C 144 25.76 13.66 -19.05
CA THR C 144 26.22 14.59 -20.08
C THR C 144 25.18 15.67 -20.31
N GLN C 145 25.56 16.92 -20.08
CA GLN C 145 24.70 18.08 -20.29
C GLN C 145 25.35 19.02 -21.29
N PRO C 146 24.55 19.79 -22.03
CA PRO C 146 25.13 20.84 -22.88
C PRO C 146 25.79 21.91 -22.04
N PRO C 147 26.96 22.40 -22.44
CA PRO C 147 27.65 23.40 -21.61
C PRO C 147 26.86 24.69 -21.44
N SER C 148 26.01 25.04 -22.41
CA SER C 148 25.32 26.32 -22.37
C SER C 148 23.89 26.17 -22.87
N ALA C 149 23.04 27.07 -22.41
CA ALA C 149 21.66 27.17 -22.85
C ALA C 149 21.23 28.62 -22.68
N SER C 150 20.41 29.11 -23.59
CA SER C 150 20.04 30.52 -23.58
C SER C 150 18.65 30.70 -24.16
N GLY C 151 18.05 31.85 -23.81
CA GLY C 151 16.72 32.18 -24.27
C GLY C 151 16.26 33.54 -23.76
N THR C 152 15.41 34.20 -24.53
CA THR C 152 14.89 35.49 -24.11
C THR C 152 13.69 35.29 -23.18
N PRO C 153 13.38 36.28 -22.35
CA PRO C 153 12.28 36.13 -21.41
C PRO C 153 10.99 35.69 -22.09
N GLY C 154 10.25 34.82 -21.41
CA GLY C 154 9.00 34.31 -21.92
C GLY C 154 9.11 33.06 -22.78
N GLN C 155 10.30 32.77 -23.31
CA GLN C 155 10.47 31.60 -24.15
C GLN C 155 10.44 30.33 -23.30
N ARG C 156 10.35 29.19 -24.00
CA ARG C 156 10.43 27.87 -23.38
C ARG C 156 11.77 27.26 -23.81
N VAL C 157 12.73 27.27 -22.90
CA VAL C 157 14.06 26.75 -23.17
C VAL C 157 14.14 25.31 -22.67
N THR C 158 15.07 24.56 -23.26
CA THR C 158 15.24 23.14 -22.97
C THR C 158 16.68 22.86 -22.61
N ILE C 159 16.89 22.10 -21.53
CA ILE C 159 18.20 21.61 -21.13
C ILE C 159 18.12 20.09 -21.12
N SER C 160 19.00 19.44 -21.88
CA SER C 160 18.98 18.00 -22.02
C SER C 160 20.00 17.35 -21.09
N CYS C 161 19.85 16.04 -20.92
CA CYS C 161 20.71 15.25 -20.06
C CYS C 161 20.65 13.81 -20.54
N SER C 162 21.82 13.22 -20.80
CA SER C 162 21.90 11.84 -21.28
C SER C 162 22.93 11.08 -20.45
N GLY C 163 22.69 9.78 -20.31
CA GLY C 163 23.55 8.92 -19.51
C GLY C 163 23.63 7.54 -20.12
N ARG C 164 23.77 6.54 -19.26
CA ARG C 164 23.91 5.15 -19.66
C ARG C 164 22.77 4.32 -19.07
N SER C 165 22.78 3.02 -19.38
CA SER C 165 21.74 2.15 -18.87
C SER C 165 21.91 1.82 -17.39
N SER C 166 23.10 2.04 -16.84
CA SER C 166 23.29 1.82 -15.41
C SER C 166 22.72 2.96 -14.56
N ASN C 167 22.52 4.14 -15.14
CA ASN C 167 21.89 5.23 -14.41
C ASN C 167 20.54 5.61 -15.03
N LEU C 168 20.53 6.40 -16.10
CA LEU C 168 19.27 6.89 -16.63
C LEU C 168 18.45 5.80 -17.33
N GLY C 169 19.07 4.70 -17.74
CA GLY C 169 18.31 3.62 -18.33
C GLY C 169 17.49 2.82 -17.34
N SER C 170 17.73 3.01 -16.04
CA SER C 170 17.01 2.27 -15.02
C SER C 170 16.72 3.11 -13.77
N ASN C 171 16.98 4.41 -13.81
CA ASN C 171 16.72 5.28 -12.67
C ASN C 171 16.18 6.61 -13.15
N THR C 172 15.23 7.16 -12.40
CA THR C 172 14.61 8.43 -12.77
C THR C 172 15.62 9.57 -12.64
N VAL C 173 15.38 10.63 -13.42
CA VAL C 173 16.25 11.80 -13.43
C VAL C 173 15.76 12.79 -12.38
N ASN C 174 16.68 13.64 -11.92
CA ASN C 174 16.37 14.75 -11.04
C ASN C 174 17.08 15.98 -11.57
N TRP C 175 16.56 17.15 -11.23
CA TRP C 175 17.12 18.41 -11.72
C TRP C 175 17.32 19.40 -10.58
N TYR C 176 18.47 20.05 -10.58
CA TYR C 176 18.82 21.05 -9.58
C TYR C 176 19.07 22.39 -10.25
N GLN C 177 18.79 23.47 -9.51
CA GLN C 177 19.14 24.83 -9.92
C GLN C 177 20.04 25.41 -8.85
N GLN C 178 21.23 25.84 -9.25
CA GLN C 178 22.18 26.46 -8.33
C GLN C 178 22.54 27.85 -8.83
N VAL C 179 22.21 28.86 -8.04
CA VAL C 179 22.72 30.22 -8.25
C VAL C 179 24.13 30.23 -7.65
N PRO C 180 25.12 30.85 -8.29
CA PRO C 180 26.48 30.81 -7.73
C PRO C 180 26.51 31.38 -6.31
N GLY C 181 27.24 30.70 -5.44
CA GLY C 181 27.39 31.13 -4.07
C GLY C 181 26.34 30.58 -3.12
N THR C 182 25.34 29.86 -3.62
CA THR C 182 24.32 29.24 -2.78
C THR C 182 24.24 27.76 -3.14
N ALA C 183 23.53 27.01 -2.32
CA ALA C 183 23.47 25.57 -2.47
C ALA C 183 22.52 25.17 -3.59
N PRO C 184 22.69 23.99 -4.16
CA PRO C 184 21.74 23.50 -5.17
C PRO C 184 20.34 23.41 -4.60
N LYS C 185 19.36 23.85 -5.40
CA LYS C 185 17.95 23.82 -5.03
C LYS C 185 17.24 22.79 -5.89
N LEU C 186 16.52 21.88 -5.25
CA LEU C 186 15.86 20.79 -5.97
C LEU C 186 14.63 21.32 -6.70
N LEU C 187 14.59 21.11 -8.01
CA LEU C 187 13.45 21.50 -8.85
C LEU C 187 12.61 20.34 -9.32
N ILE C 188 13.22 19.24 -9.75
CA ILE C 188 12.50 18.08 -10.24
C ILE C 188 13.12 16.83 -9.62
N TYR C 189 12.29 16.00 -9.00
CA TYR C 189 12.71 14.71 -8.51
C TYR C 189 11.79 13.64 -9.08
N LEU C 190 12.29 12.40 -9.12
CA LEU C 190 11.53 11.26 -9.60
C LEU C 190 10.96 11.53 -10.99
N LYS C 191 11.83 12.06 -11.87
CA LYS C 191 11.52 12.29 -13.27
C LYS C 191 10.70 13.54 -13.49
N ASN C 192 9.49 13.61 -12.94
CA ASN C 192 8.57 14.70 -13.26
C ASN C 192 7.89 15.30 -12.05
N GLN C 193 8.32 14.99 -10.84
CA GLN C 193 7.69 15.52 -9.64
C GLN C 193 8.37 16.82 -9.23
N ARG C 194 7.56 17.79 -8.77
CA ARG C 194 8.03 19.10 -8.37
C ARG C 194 7.95 19.24 -6.86
N PRO C 195 9.04 19.59 -6.17
CA PRO C 195 8.92 19.91 -4.75
C PRO C 195 8.01 21.10 -4.54
N SER C 196 7.32 21.11 -3.40
CA SER C 196 6.46 22.24 -3.06
C SER C 196 7.24 23.55 -3.17
N GLY C 197 6.62 24.54 -3.79
CA GLY C 197 7.26 25.81 -4.00
C GLY C 197 7.98 25.95 -5.33
N VAL C 198 7.95 24.93 -6.18
CA VAL C 198 8.53 24.99 -7.51
C VAL C 198 7.41 25.26 -8.50
N PRO C 199 7.48 26.30 -9.32
CA PRO C 199 6.36 26.62 -10.21
C PRO C 199 6.04 25.48 -11.16
N ASP C 200 4.81 25.53 -11.69
CA ASP C 200 4.40 24.55 -12.68
C ASP C 200 5.15 24.71 -14.01
N ARG C 201 5.77 25.86 -14.24
CA ARG C 201 6.47 26.08 -15.50
C ARG C 201 7.73 25.25 -15.62
N PHE C 202 8.24 24.71 -14.52
CA PHE C 202 9.33 23.75 -14.55
C PHE C 202 8.75 22.36 -14.72
N SER C 203 9.20 21.64 -15.74
CA SER C 203 8.76 20.26 -15.95
C SER C 203 9.92 19.47 -16.53
N GLY C 204 9.90 18.17 -16.28
CA GLY C 204 10.96 17.29 -16.73
C GLY C 204 10.41 16.04 -17.37
N SER C 205 11.12 15.54 -18.37
CA SER C 205 10.75 14.34 -19.09
C SER C 205 11.96 13.42 -19.20
N GLN C 206 11.69 12.16 -19.50
CA GLN C 206 12.74 11.15 -19.55
C GLN C 206 12.30 10.02 -20.47
N SER C 207 13.25 9.50 -21.24
CA SER C 207 12.98 8.40 -22.17
C SER C 207 14.28 7.66 -22.42
N GLY C 208 14.31 6.37 -22.05
CA GLY C 208 15.53 5.61 -22.22
C GLY C 208 16.67 6.23 -21.44
N THR C 209 17.81 6.37 -22.09
CA THR C 209 18.99 6.96 -21.48
C THR C 209 19.03 8.48 -21.64
N SER C 210 17.93 9.09 -22.08
CA SER C 210 17.87 10.53 -22.30
C SER C 210 16.83 11.16 -21.38
N ALA C 211 16.99 12.46 -21.15
CA ALA C 211 16.06 13.24 -20.36
C ALA C 211 16.29 14.71 -20.66
N SER C 212 15.36 15.55 -20.23
CA SER C 212 15.51 16.98 -20.43
C SER C 212 14.65 17.73 -19.42
N LEU C 213 14.94 19.01 -19.26
CA LEU C 213 14.20 19.91 -18.38
C LEU C 213 13.58 21.00 -19.23
N ALA C 214 12.33 21.32 -18.95
CA ALA C 214 11.59 22.35 -19.67
C ALA C 214 11.28 23.49 -18.71
N ILE C 215 11.65 24.71 -19.11
CA ILE C 215 11.43 25.91 -18.31
C ILE C 215 10.58 26.85 -19.15
N SER C 216 9.29 26.93 -18.83
CA SER C 216 8.37 27.82 -19.53
C SER C 216 8.34 29.18 -18.83
N GLY C 217 7.82 30.17 -19.54
CA GLY C 217 7.78 31.53 -19.01
C GLY C 217 9.13 31.99 -18.50
N LEU C 218 10.19 31.70 -19.26
CA LEU C 218 11.54 32.02 -18.85
C LEU C 218 11.64 33.46 -18.37
N GLN C 219 12.28 33.66 -17.22
CA GLN C 219 12.46 34.98 -16.64
C GLN C 219 13.89 35.10 -16.15
N SER C 220 14.31 36.36 -15.91
CA SER C 220 15.68 36.61 -15.47
C SER C 220 15.99 35.86 -14.18
N ASP C 221 14.99 35.60 -13.35
CA ASP C 221 15.19 34.88 -12.10
C ASP C 221 15.65 33.44 -12.32
N ASP C 222 15.68 32.96 -13.57
CA ASP C 222 16.14 31.62 -13.89
C ASP C 222 17.61 31.58 -14.29
N ASP C 223 18.27 32.74 -14.40
CA ASP C 223 19.66 32.79 -14.83
C ASP C 223 20.54 32.14 -13.79
N ALA C 224 21.01 30.92 -14.07
CA ALA C 224 21.84 30.17 -13.13
C ALA C 224 22.29 28.86 -13.75
N ASP C 225 22.97 28.02 -12.98
CA ASP C 225 23.40 26.71 -13.44
C ASP C 225 22.35 25.67 -13.10
N TYR C 226 22.29 24.62 -13.93
CA TYR C 226 21.32 23.55 -13.78
C TYR C 226 22.02 22.21 -13.91
N TYR C 227 21.78 21.33 -12.94
CA TYR C 227 22.40 20.02 -12.89
C TYR C 227 21.33 18.95 -12.91
N CYS C 228 21.56 17.89 -13.69
CA CYS C 228 20.74 16.70 -13.64
C CYS C 228 21.45 15.65 -12.77
N ALA C 229 20.66 14.85 -12.07
CA ALA C 229 21.18 13.90 -11.11
C ALA C 229 20.37 12.61 -11.15
N ALA C 230 21.06 11.48 -11.05
CA ALA C 230 20.38 10.19 -11.04
C ALA C 230 21.27 9.18 -10.33
N TRP C 231 20.65 8.12 -9.83
CA TRP C 231 21.39 7.02 -9.22
C TRP C 231 22.05 6.17 -10.31
N ASP C 232 23.24 5.66 -10.00
CA ASP C 232 23.96 4.76 -10.89
C ASP C 232 24.20 3.45 -10.14
N ASP C 233 23.65 2.35 -10.68
CA ASP C 233 23.73 1.08 -9.97
C ASP C 233 25.13 0.48 -10.02
N ASN C 234 25.84 0.67 -11.14
CA ASN C 234 27.21 0.19 -11.22
C ASN C 234 28.10 0.89 -10.20
N LEU C 235 28.01 2.21 -10.12
CA LEU C 235 28.82 2.98 -9.18
C LEU C 235 28.27 2.91 -7.75
N ASP C 236 26.98 2.61 -7.59
CA ASP C 236 26.35 2.55 -6.27
C ASP C 236 26.42 3.90 -5.57
N GLY C 237 26.20 4.97 -6.33
CA GLY C 237 26.20 6.31 -5.78
C GLY C 237 25.47 7.25 -6.72
N TRP C 238 25.42 8.52 -6.32
CA TRP C 238 24.79 9.54 -7.15
C TRP C 238 25.76 10.05 -8.20
N VAL C 239 25.28 10.18 -9.42
CA VAL C 239 26.04 10.78 -10.52
C VAL C 239 25.35 12.07 -10.94
N PHE C 240 26.14 13.08 -11.28
CA PHE C 240 25.63 14.37 -11.69
C PHE C 240 26.03 14.65 -13.13
N GLY C 241 25.28 15.56 -13.76
CA GLY C 241 25.72 16.13 -15.00
C GLY C 241 26.75 17.23 -14.77
N GLY C 242 27.52 17.51 -15.81
CA GLY C 242 28.54 18.55 -15.72
C GLY C 242 27.98 19.94 -15.47
N GLY C 243 26.69 20.14 -15.67
CA GLY C 243 26.06 21.41 -15.41
C GLY C 243 25.89 22.23 -16.67
N THR C 244 24.82 23.01 -16.70
CA THR C 244 24.50 23.87 -17.84
C THR C 244 24.15 25.27 -17.31
N LYS C 245 24.79 26.29 -17.86
CA LYS C 245 24.52 27.66 -17.47
C LYS C 245 23.44 28.24 -18.39
N LEU C 246 22.31 28.62 -17.80
CA LEU C 246 21.20 29.21 -18.53
C LEU C 246 21.27 30.73 -18.41
N THR C 247 21.50 31.39 -19.54
CA THR C 247 21.54 32.85 -19.59
C THR C 247 20.22 33.37 -20.18
N VAL C 248 19.61 34.32 -19.50
CA VAL C 248 18.35 34.92 -19.93
C VAL C 248 18.68 36.20 -20.66
N LEU C 249 18.40 36.25 -21.95
CA LEU C 249 18.73 37.40 -22.78
C LEU C 249 17.58 38.41 -22.78
#